data_1N1L
#
_entry.id   1N1L
#
_cell.length_a   225.450
_cell.length_b   225.450
_cell.length_c   75.890
_cell.angle_alpha   90.00
_cell.angle_beta   90.00
_cell.angle_gamma   120.00
#
_symmetry.space_group_name_H-M   'H 3 2'
#
loop_
_entity.id
_entity.type
_entity.pdbx_description
1 polymer 'HCV NS3 SERINE PROTEASE'
2 polymer 'NS4A COFACTOR'
3 non-polymer 'ZINC ION'
4 non-polymer '{1-[2-(1-FORMYL-PROPYL)-3-METHANESULFONYLAMINO-PYRROLIDINE-1-CARBONYL]-2-METHYL-PROPYL}-CARBAMIC ACID TERT-BUTYL ESTER'
5 water water
#
loop_
_entity_poly.entity_id
_entity_poly.type
_entity_poly.pdbx_seq_one_letter_code
_entity_poly.pdbx_strand_id
1 'polypeptide(L)'
;ASMTGGQQMGAPITAYAQQTRGLLGCIITSLTGRDKNQVEGEVQIVSTATQTFLATCINGVCWTVYHGAGTRTIASPKGP
VIQMYTNVDQDLVGWPAPQGSRSLTPCTCGSSDLYLVTRHADVIPVRRRGDSRGSLLSPRPISYLKGSSGGPLLCPAGHA
VGLFRAAVCTRGVTKAVDFIPVENLETTMRGSHHHHHH
;
A,B
2 'polypeptide(L)' KKGSVVIVGRIVLSGKPAIIPKK C,D
#
loop_
_chem_comp.id
_chem_comp.type
_chem_comp.name
_chem_comp.formula
TRL non-polymer '{1-[2-(1-FORMYL-PROPYL)-3-METHANESULFONYLAMINO-PYRROLIDINE-1-CARBONYL]-2-METHYL-PROPYL}-CARBAMIC ACID TERT-BUTYL ESTER' 'C19 H35 N3 O6 S'
ZN non-polymer 'ZINC ION' 'Zn 2'
#
# COMPACT_ATOMS: atom_id res chain seq x y z
N ALA A 11 -2.37 -9.32 6.98
CA ALA A 11 -2.52 -9.65 5.53
C ALA A 11 -1.59 -8.70 4.80
N PRO A 12 -1.89 -8.32 3.52
CA PRO A 12 -0.96 -7.51 2.71
C PRO A 12 -0.92 -6.06 3.20
N ILE A 13 0.28 -5.47 3.16
CA ILE A 13 0.36 -4.06 3.49
C ILE A 13 -0.29 -3.23 2.38
N THR A 14 -1.25 -2.40 2.74
CA THR A 14 -1.72 -1.37 1.88
C THR A 14 -1.91 -0.11 2.71
N ALA A 15 -1.79 1.03 2.04
CA ALA A 15 -1.74 2.34 2.67
C ALA A 15 -2.51 3.38 1.88
N TYR A 16 -3.07 4.37 2.58
CA TYR A 16 -3.56 5.57 1.90
C TYR A 16 -3.16 6.88 2.62
N ALA A 17 -3.08 8.00 1.86
CA ALA A 17 -2.70 9.32 2.41
C ALA A 17 -3.89 10.22 2.43
N GLN A 18 -4.00 11.07 3.42
CA GLN A 18 -4.99 12.12 3.41
C GLN A 18 -4.28 13.41 3.84
N GLN A 19 -4.63 14.51 3.19
CA GLN A 19 -4.04 15.79 3.57
C GLN A 19 -4.98 16.50 4.51
N THR A 20 -4.49 17.05 5.61
CA THR A 20 -5.42 17.60 6.58
C THR A 20 -5.28 19.10 6.76
N ARG A 21 -4.28 19.71 6.15
CA ARG A 21 -3.98 21.12 6.37
C ARG A 21 -3.29 21.65 5.12
N GLY A 22 -3.56 22.91 4.78
CA GLY A 22 -2.84 23.58 3.70
C GLY A 22 -1.69 24.47 4.20
N LEU A 23 -0.97 25.08 3.26
CA LEU A 23 0.20 25.93 3.56
C LEU A 23 -0.02 26.93 4.69
N LEU A 24 -1.13 27.64 4.58
CA LEU A 24 -1.42 28.70 5.51
C LEU A 24 -1.81 28.26 6.92
N GLY A 25 -2.61 27.19 7.04
CA GLY A 25 -2.97 26.67 8.36
C GLY A 25 -1.74 26.02 8.98
N CYS A 26 -0.86 25.53 8.12
CA CYS A 26 0.32 24.94 8.68
C CYS A 26 1.19 26.02 9.36
N ILE A 27 1.51 27.10 8.64
CA ILE A 27 2.24 28.22 9.25
C ILE A 27 1.61 28.74 10.52
N ILE A 28 0.33 29.10 10.46
CA ILE A 28 -0.32 29.59 11.68
C ILE A 28 -0.16 28.61 12.85
N THR A 29 -0.40 27.33 12.59
CA THR A 29 -0.32 26.27 13.61
C THR A 29 1.12 26.08 14.14
N SER A 30 2.08 26.22 13.23
CA SER A 30 3.49 26.16 13.60
C SER A 30 3.80 27.20 14.67
N LEU A 31 3.31 28.43 14.43
CA LEU A 31 3.47 29.56 15.34
C LEU A 31 2.67 29.45 16.63
N THR A 32 1.39 29.10 16.58
CA THR A 32 0.64 29.00 17.82
C THR A 32 1.03 27.78 18.65
N GLY A 33 1.56 26.76 17.97
CA GLY A 33 1.71 25.40 18.49
C GLY A 33 0.40 24.76 18.94
N ARG A 34 -0.73 25.26 18.43
CA ARG A 34 -2.02 24.74 18.82
C ARG A 34 -2.74 24.06 17.65
N ASP A 35 -2.87 22.73 17.72
CA ASP A 35 -3.51 21.93 16.68
C ASP A 35 -4.76 21.20 17.15
N LYS A 36 -5.91 21.64 16.64
CA LYS A 36 -7.23 21.07 17.03
C LYS A 36 -7.80 19.95 16.10
N ASN A 37 -7.10 19.61 15.02
CA ASN A 37 -7.56 18.61 14.07
C ASN A 37 -7.54 17.23 14.70
N GLN A 38 -8.49 16.34 14.34
CA GLN A 38 -8.39 14.96 14.87
C GLN A 38 -7.27 14.22 14.17
N VAL A 39 -6.62 13.35 14.94
CA VAL A 39 -5.55 12.51 14.43
C VAL A 39 -6.01 11.07 14.20
N GLU A 40 -5.55 10.51 13.08
CA GLU A 40 -5.79 9.10 12.78
C GLU A 40 -4.55 8.54 12.16
N GLY A 41 -4.45 7.21 12.19
CA GLY A 41 -3.40 6.49 11.50
C GLY A 41 -2.11 6.32 12.29
N GLU A 42 -1.10 5.77 11.60
CA GLU A 42 0.11 5.29 12.22
C GLU A 42 1.29 6.14 11.79
N VAL A 43 1.20 6.74 10.59
CA VAL A 43 2.23 7.58 10.08
C VAL A 43 1.63 8.97 9.97
N GLN A 44 2.34 9.99 10.46
CA GLN A 44 1.87 11.35 10.35
C GLN A 44 2.76 12.09 9.34
N ILE A 45 2.11 12.89 8.47
CA ILE A 45 2.83 13.73 7.53
C ILE A 45 3.07 15.02 8.27
N VAL A 46 4.35 15.37 8.35
CA VAL A 46 4.73 16.51 9.18
C VAL A 46 5.53 17.58 8.41
N SER A 47 5.38 18.81 8.88
CA SER A 47 6.05 19.96 8.28
C SER A 47 6.69 20.87 9.31
N THR A 48 7.82 21.43 8.91
CA THR A 48 8.35 22.65 9.51
C THR A 48 8.11 23.83 8.55
N ALA A 49 8.71 24.97 8.89
CA ALA A 49 8.83 26.14 8.02
C ALA A 49 9.49 25.78 6.68
N THR A 50 10.60 25.05 6.72
CA THR A 50 11.32 24.74 5.48
C THR A 50 11.10 23.34 4.91
N GLN A 51 10.47 22.43 5.66
CA GLN A 51 10.53 21.01 5.28
C GLN A 51 9.37 20.12 5.69
N THR A 52 9.17 19.09 4.88
CA THR A 52 8.08 18.18 5.14
C THR A 52 8.51 16.73 4.99
N PHE A 53 8.09 15.91 5.95
CA PHE A 53 8.58 14.54 6.06
C PHE A 53 7.60 13.74 6.90
N LEU A 54 8.05 12.62 7.44
CA LEU A 54 7.15 11.66 8.10
C LEU A 54 7.57 11.37 9.51
N ALA A 55 6.60 10.99 10.32
CA ALA A 55 6.79 10.58 11.71
C ALA A 55 5.97 9.33 11.88
N THR A 56 6.50 8.34 12.61
CA THR A 56 5.84 7.05 12.70
C THR A 56 5.54 6.78 14.16
N CYS A 57 4.37 6.27 14.47
CA CYS A 57 4.08 5.95 15.85
C CYS A 57 4.42 4.49 16.15
N ILE A 58 5.36 4.29 17.07
CA ILE A 58 5.69 2.96 17.57
C ILE A 58 5.70 3.00 19.10
N ASN A 59 5.06 2.01 19.74
CA ASN A 59 5.04 1.91 21.21
C ASN A 59 4.50 3.16 21.93
N GLY A 60 3.41 3.72 21.46
CA GLY A 60 2.84 4.89 22.11
C GLY A 60 3.58 6.20 21.94
N VAL A 61 4.66 6.20 21.15
CA VAL A 61 5.48 7.38 20.87
C VAL A 61 5.57 7.65 19.38
N CYS A 62 5.54 8.91 19.00
CA CYS A 62 5.59 9.26 17.59
C CYS A 62 6.98 9.75 17.31
N TRP A 63 7.66 9.06 16.39
CA TRP A 63 9.11 9.21 16.16
C TRP A 63 9.34 9.78 14.80
N THR A 64 10.47 10.43 14.62
CA THR A 64 10.88 10.92 13.33
C THR A 64 12.34 11.26 13.47
N VAL A 65 12.91 11.77 12.37
CA VAL A 65 14.35 12.04 12.28
C VAL A 65 14.72 13.38 12.87
N TYR A 66 15.83 13.38 13.61
CA TYR A 66 16.39 14.57 14.21
C TYR A 66 16.79 15.60 13.15
N HIS A 67 17.35 15.12 12.03
CA HIS A 67 17.80 16.04 10.99
C HIS A 67 16.65 16.78 10.35
N GLY A 68 15.41 16.41 10.67
CA GLY A 68 14.27 17.17 10.19
C GLY A 68 13.57 17.95 11.27
N ALA A 69 13.25 17.30 12.38
CA ALA A 69 12.52 17.96 13.48
C ALA A 69 13.41 18.85 14.37
N GLY A 70 14.72 18.52 14.44
CA GLY A 70 15.63 19.13 15.40
C GLY A 70 15.12 18.94 16.83
N THR A 71 15.11 20.03 17.61
CA THR A 71 14.64 19.94 19.02
C THR A 71 13.18 20.37 19.16
N ARG A 72 12.53 20.60 18.00
CA ARG A 72 11.25 21.29 17.94
C ARG A 72 10.14 20.64 18.75
N THR A 73 9.21 21.45 19.23
CA THR A 73 8.00 20.85 19.78
C THR A 73 7.04 20.39 18.65
N ILE A 74 6.04 19.60 19.03
CA ILE A 74 4.98 19.29 18.11
C ILE A 74 3.68 20.00 18.56
N ALA A 75 2.95 20.55 17.59
CA ALA A 75 1.65 21.20 17.86
C ALA A 75 0.62 20.16 18.23
N SER A 76 -0.16 20.47 19.26
CA SER A 76 -1.17 19.56 19.80
C SER A 76 -2.45 20.33 20.24
N PRO A 77 -3.54 19.63 20.56
CA PRO A 77 -4.73 20.33 21.05
C PRO A 77 -4.48 21.18 22.30
N LYS A 78 -3.33 21.03 22.97
CA LYS A 78 -3.04 21.70 24.24
C LYS A 78 -1.84 22.64 24.15
N GLY A 79 -1.49 23.00 22.92
CA GLY A 79 -0.32 23.82 22.62
C GLY A 79 0.91 22.94 22.36
N PRO A 80 2.09 23.55 22.30
CA PRO A 80 3.28 22.79 21.93
C PRO A 80 3.58 21.73 22.96
N VAL A 81 4.10 20.62 22.46
CA VAL A 81 4.47 19.48 23.28
C VAL A 81 5.92 19.16 23.02
N ILE A 82 6.67 19.11 24.13
CA ILE A 82 8.12 18.89 24.12
C ILE A 82 8.47 17.43 23.81
N GLN A 83 9.59 17.24 23.11
CA GLN A 83 10.06 15.90 22.81
C GLN A 83 10.27 15.10 24.09
N MET A 84 9.88 13.84 24.08
CA MET A 84 10.17 12.86 25.14
C MET A 84 11.57 12.25 25.03
N TYR A 85 12.10 12.17 23.81
CA TYR A 85 13.39 11.52 23.58
C TYR A 85 14.11 12.29 22.51
N THR A 86 15.41 12.44 22.65
CA THR A 86 16.19 13.13 21.68
C THR A 86 17.54 12.42 21.66
N ASN A 87 17.92 11.88 20.51
CA ASN A 87 19.16 11.16 20.38
C ASN A 87 19.85 11.51 19.07
N VAL A 88 20.72 12.50 19.14
CA VAL A 88 21.40 13.08 17.97
C VAL A 88 22.26 12.08 17.18
N ASP A 89 22.89 11.14 17.88
CA ASP A 89 23.79 10.19 17.22
C ASP A 89 22.96 9.20 16.42
N GLN A 90 21.88 8.73 17.06
CA GLN A 90 20.92 7.90 16.35
C GLN A 90 20.04 8.65 15.32
N ASP A 91 20.03 9.99 15.37
CA ASP A 91 19.27 10.83 14.44
C ASP A 91 17.75 10.61 14.61
N LEU A 92 17.34 10.54 15.87
CA LEU A 92 16.03 10.06 16.23
C LEU A 92 15.40 10.97 17.28
N VAL A 93 14.10 11.23 17.16
CA VAL A 93 13.44 12.19 18.03
C VAL A 93 12.11 11.55 18.33
N GLY A 94 11.49 11.85 19.45
CA GLY A 94 10.18 11.28 19.77
C GLY A 94 9.34 12.15 20.66
N TRP A 95 8.06 12.27 20.34
CA TRP A 95 7.07 12.97 21.14
C TRP A 95 6.08 11.93 21.64
N PRO A 96 5.28 12.21 22.68
CA PRO A 96 4.20 11.25 23.00
C PRO A 96 3.26 11.16 21.77
N ALA A 97 2.75 9.98 21.44
CA ALA A 97 1.94 9.81 20.24
C ALA A 97 0.68 10.63 20.41
N PRO A 98 0.29 11.40 19.39
CA PRO A 98 -0.96 12.18 19.43
C PRO A 98 -2.19 11.35 19.79
N GLN A 99 -3.09 11.93 20.56
CA GLN A 99 -4.40 11.30 20.77
C GLN A 99 -5.11 10.96 19.48
N GLY A 100 -5.57 9.73 19.35
CA GLY A 100 -6.23 9.26 18.13
C GLY A 100 -5.33 8.51 17.13
N SER A 101 -4.00 8.68 17.22
CA SER A 101 -3.06 7.87 16.42
C SER A 101 -3.06 6.42 16.92
N ARG A 102 -2.42 5.54 16.16
CA ARG A 102 -2.40 4.11 16.43
C ARG A 102 -0.95 3.71 16.26
N SER A 103 -0.42 2.87 17.13
CA SER A 103 1.00 2.55 17.03
C SER A 103 1.28 1.26 16.29
N LEU A 104 2.38 1.22 15.51
CA LEU A 104 2.92 0.00 14.97
C LEU A 104 3.57 -0.86 16.05
N THR A 105 3.52 -2.17 15.84
CA THR A 105 4.17 -3.16 16.71
C THR A 105 5.59 -3.41 16.22
N PRO A 106 6.61 -3.36 17.07
CA PRO A 106 7.97 -3.73 16.65
C PRO A 106 8.01 -5.15 16.12
N CYS A 107 8.84 -5.38 15.10
CA CYS A 107 9.03 -6.68 14.46
C CYS A 107 9.81 -7.63 15.35
N THR A 108 9.34 -8.86 15.42
CA THR A 108 10.05 -9.91 16.19
C THR A 108 10.34 -11.20 15.36
N CYS A 109 10.15 -11.12 14.04
CA CYS A 109 10.31 -12.29 13.16
C CYS A 109 11.68 -12.33 12.48
N GLY A 110 12.45 -11.27 12.66
CA GLY A 110 13.74 -11.18 12.03
C GLY A 110 13.77 -11.31 10.51
N SER A 111 12.62 -11.12 9.83
CA SER A 111 12.61 -11.19 8.36
C SER A 111 13.60 -10.23 7.69
N SER A 112 14.01 -10.59 6.48
CA SER A 112 14.91 -9.77 5.70
C SER A 112 14.23 -9.08 4.49
N ASP A 113 12.93 -9.35 4.36
CA ASP A 113 12.12 -8.72 3.34
C ASP A 113 11.32 -7.58 3.95
N LEU A 114 11.76 -6.36 3.63
CA LEU A 114 11.18 -5.19 4.24
C LEU A 114 10.31 -4.46 3.22
N TYR A 115 9.42 -3.62 3.74
CA TYR A 115 8.54 -2.81 2.91
C TYR A 115 8.47 -1.39 3.42
N LEU A 116 9.00 -0.46 2.63
CA LEU A 116 9.06 0.94 2.96
C LEU A 116 7.76 1.62 2.53
N VAL A 117 7.11 2.34 3.46
CA VAL A 117 5.93 3.14 3.22
C VAL A 117 6.35 4.58 3.01
N THR A 118 5.97 5.09 1.86
CA THR A 118 6.38 6.35 1.26
C THR A 118 5.42 7.46 1.72
N ARG A 119 5.82 8.75 1.63
CA ARG A 119 4.84 9.83 1.94
C ARG A 119 3.65 9.84 1.00
N HIS A 120 3.79 9.30 -0.19
CA HIS A 120 2.66 9.17 -1.13
C HIS A 120 1.81 7.96 -0.89
N ALA A 121 2.09 7.20 0.18
CA ALA A 121 1.37 5.99 0.52
C ALA A 121 1.56 4.80 -0.47
N ASP A 122 2.74 4.71 -1.06
CA ASP A 122 3.13 3.53 -1.76
C ASP A 122 3.95 2.67 -0.82
N VAL A 123 4.00 1.38 -1.14
CA VAL A 123 4.74 0.43 -0.35
C VAL A 123 5.75 -0.13 -1.30
N ILE A 124 7.04 0.13 -1.09
CA ILE A 124 8.01 -0.48 -2.01
C ILE A 124 8.88 -1.51 -1.30
N PRO A 125 9.16 -2.63 -1.98
CA PRO A 125 9.97 -3.71 -1.38
C PRO A 125 11.43 -3.31 -1.19
N VAL A 126 11.99 -3.68 -0.05
CA VAL A 126 13.40 -3.44 0.26
C VAL A 126 14.00 -4.76 0.80
N ARG A 127 15.14 -5.15 0.26
CA ARG A 127 15.90 -6.28 0.83
C ARG A 127 16.87 -5.83 1.92
N ARG A 128 16.76 -6.43 3.10
CA ARG A 128 17.65 -6.09 4.22
C ARG A 128 19.08 -6.57 3.94
N ARG A 129 20.05 -5.67 4.06
CA ARG A 129 21.45 -6.02 3.79
C ARG A 129 22.36 -5.57 4.93
N GLY A 130 21.97 -5.81 6.18
CA GLY A 130 22.75 -5.28 7.29
C GLY A 130 21.90 -4.89 8.48
N ASP A 131 22.51 -4.33 9.50
CA ASP A 131 21.78 -3.92 10.69
C ASP A 131 20.80 -2.77 10.37
N SER A 132 21.29 -1.86 9.51
CA SER A 132 20.70 -0.55 9.29
C SER A 132 20.66 -0.10 7.81
N ARG A 133 20.81 -1.04 6.88
CA ARG A 133 20.79 -0.73 5.46
C ARG A 133 19.97 -1.75 4.70
N GLY A 134 19.27 -1.29 3.67
CA GLY A 134 18.48 -2.17 2.82
C GLY A 134 18.63 -1.73 1.36
N SER A 135 18.44 -2.66 0.42
CA SER A 135 18.49 -2.28 -1.00
C SER A 135 17.10 -2.35 -1.60
N LEU A 136 16.80 -1.36 -2.45
CA LEU A 136 15.56 -1.34 -3.20
C LEU A 136 15.57 -2.45 -4.25
N LEU A 137 14.43 -3.09 -4.50
CA LEU A 137 14.40 -4.12 -5.53
C LEU A 137 14.18 -3.43 -6.87
N SER A 138 13.61 -2.24 -6.84
CA SER A 138 13.45 -1.46 -8.06
C SER A 138 13.87 -0.05 -7.73
N PRO A 139 15.06 0.31 -8.15
CA PRO A 139 15.59 1.66 -7.93
C PRO A 139 14.60 2.75 -8.32
N ARG A 140 14.65 3.90 -7.67
CA ARG A 140 13.69 4.95 -7.90
C ARG A 140 14.36 6.31 -8.03
N PRO A 141 13.74 7.23 -8.74
CA PRO A 141 14.28 8.60 -8.77
C PRO A 141 14.18 9.19 -7.37
N ILE A 142 15.25 9.82 -6.91
CA ILE A 142 15.28 10.47 -5.61
C ILE A 142 14.10 11.44 -5.32
N SER A 143 13.64 12.19 -6.32
CA SER A 143 12.50 13.11 -6.15
C SER A 143 11.28 12.36 -5.53
N TYR A 144 11.06 11.14 -6.01
CA TYR A 144 10.08 10.25 -5.44
C TYR A 144 10.17 10.06 -3.90
N LEU A 145 11.33 9.64 -3.40
CA LEU A 145 11.48 9.35 -1.98
C LEU A 145 11.57 10.60 -1.08
N LYS A 146 11.62 11.76 -1.71
CA LYS A 146 11.75 12.97 -0.94
C LYS A 146 10.59 13.12 0.04
N GLY A 147 10.92 13.46 1.29
CA GLY A 147 9.89 13.64 2.29
C GLY A 147 9.38 12.35 2.90
N SER A 148 10.01 11.24 2.55
CA SER A 148 9.67 9.96 3.15
C SER A 148 10.48 9.62 4.40
N SER A 149 11.61 10.28 4.60
CA SER A 149 12.36 10.16 5.87
C SER A 149 11.48 10.28 7.10
N GLY A 150 11.68 9.37 8.06
CA GLY A 150 10.80 9.27 9.21
C GLY A 150 9.74 8.17 9.06
N GLY A 151 9.48 7.70 7.83
CA GLY A 151 8.45 6.68 7.62
C GLY A 151 8.95 5.28 7.96
N PRO A 152 8.06 4.31 8.06
CA PRO A 152 8.44 2.94 8.46
C PRO A 152 8.86 1.95 7.40
N LEU A 153 9.81 1.09 7.77
CA LEU A 153 10.07 -0.16 7.06
C LEU A 153 9.36 -1.24 7.83
N LEU A 154 8.48 -1.95 7.14
CA LEU A 154 7.71 -3.04 7.73
C LEU A 154 8.22 -4.43 7.29
N CYS A 155 7.98 -5.42 8.13
CA CYS A 155 8.27 -6.79 7.79
C CYS A 155 7.01 -7.30 7.11
N PRO A 156 7.02 -8.51 6.57
CA PRO A 156 5.80 -9.07 5.94
C PRO A 156 4.58 -9.08 6.86
N ALA A 157 4.75 -9.21 8.16
CA ALA A 157 3.54 -9.18 8.99
C ALA A 157 3.00 -7.76 9.26
N GLY A 158 3.63 -6.73 8.69
CA GLY A 158 3.27 -5.34 8.95
C GLY A 158 3.74 -4.71 10.25
N HIS A 159 4.83 -5.23 10.80
CA HIS A 159 5.37 -4.74 12.07
C HIS A 159 6.62 -3.95 11.79
N ALA A 160 6.99 -3.07 12.70
CA ALA A 160 8.00 -2.10 12.37
C ALA A 160 9.41 -2.69 12.54
N VAL A 161 10.24 -2.55 11.52
CA VAL A 161 11.61 -3.01 11.54
C VAL A 161 12.50 -1.79 11.71
N GLY A 162 12.07 -0.63 11.22
CA GLY A 162 12.94 0.53 11.23
C GLY A 162 12.29 1.75 10.62
N LEU A 163 12.99 2.87 10.69
CA LEU A 163 12.51 4.11 10.19
C LEU A 163 13.49 4.57 9.12
N PHE A 164 12.96 4.93 7.95
CA PHE A 164 13.76 5.43 6.85
C PHE A 164 14.54 6.69 7.30
N ARG A 165 15.87 6.61 7.22
CA ARG A 165 16.79 7.68 7.70
C ARG A 165 17.43 8.49 6.58
N ALA A 166 17.93 7.78 5.58
CA ALA A 166 18.61 8.41 4.45
C ALA A 166 18.62 7.52 3.22
N ALA A 167 18.67 8.20 2.08
CA ALA A 167 18.75 7.52 0.81
C ALA A 167 20.14 7.61 0.20
N VAL A 168 20.65 6.47 -0.26
CA VAL A 168 21.90 6.38 -1.02
C VAL A 168 21.60 6.62 -2.49
N CYS A 169 21.93 7.82 -2.97
CA CYS A 169 21.61 8.21 -4.33
C CYS A 169 22.86 8.42 -5.21
N THR A 170 22.81 7.95 -6.44
CA THR A 170 23.89 8.17 -7.42
C THR A 170 23.28 8.60 -8.77
N ARG A 171 23.60 9.82 -9.20
CA ARG A 171 23.05 10.42 -10.41
C ARG A 171 21.55 10.67 -10.33
N GLY A 172 21.06 10.89 -9.11
CA GLY A 172 19.65 11.12 -8.89
C GLY A 172 18.82 9.85 -8.82
N VAL A 173 19.46 8.68 -8.75
CA VAL A 173 18.73 7.42 -8.61
C VAL A 173 19.11 6.69 -7.32
N THR A 174 18.10 6.30 -6.55
CA THR A 174 18.26 5.63 -5.25
C THR A 174 18.14 4.13 -5.41
N LYS A 175 19.11 3.39 -4.84
CA LYS A 175 19.13 1.93 -4.90
C LYS A 175 19.17 1.33 -3.51
N ALA A 176 19.41 2.18 -2.52
CA ALA A 176 19.57 1.71 -1.15
C ALA A 176 19.18 2.79 -0.17
N VAL A 177 18.70 2.37 0.99
CA VAL A 177 18.31 3.26 2.07
C VAL A 177 18.99 2.82 3.36
N ASP A 178 19.34 3.82 4.19
CA ASP A 178 19.78 3.58 5.56
C ASP A 178 18.58 3.84 6.44
N PHE A 179 18.39 3.01 7.45
CA PHE A 179 17.30 3.21 8.40
C PHE A 179 17.74 3.09 9.86
N ILE A 180 16.97 3.68 10.77
CA ILE A 180 17.14 3.47 12.19
C ILE A 180 16.39 2.23 12.59
N PRO A 181 17.09 1.18 13.06
CA PRO A 181 16.42 -0.08 13.48
C PRO A 181 15.51 0.12 14.71
N VAL A 182 14.40 -0.63 14.78
CA VAL A 182 13.51 -0.53 15.93
C VAL A 182 14.27 -0.69 17.25
N GLU A 183 15.28 -1.55 17.26
CA GLU A 183 16.07 -1.80 18.47
C GLU A 183 16.67 -0.55 19.05
N ASN A 184 17.31 0.25 18.21
CA ASN A 184 17.77 1.55 18.63
C ASN A 184 16.67 2.49 19.21
N LEU A 185 15.39 2.22 18.88
CA LEU A 185 14.30 3.04 19.44
C LEU A 185 14.18 2.64 20.86
N GLU A 186 14.06 1.35 21.05
CA GLU A 186 13.90 0.77 22.37
C GLU A 186 15.11 1.12 23.23
N THR A 187 16.29 1.08 22.67
CA THR A 187 17.47 1.55 23.39
C THR A 187 17.34 3.00 23.85
N THR A 188 16.83 3.86 22.96
CA THR A 188 16.70 5.29 23.22
C THR A 188 15.65 5.50 24.33
N MET A 189 14.66 4.64 24.33
CA MET A 189 13.65 4.64 25.38
C MET A 189 14.20 4.31 26.76
N ARG A 190 15.26 3.48 26.81
CA ARG A 190 16.03 3.30 28.04
C ARG A 190 17.14 4.30 28.17
N GLN B 38 -14.02 11.11 -5.61
CA GLN B 38 -12.56 11.15 -5.80
C GLN B 38 -11.80 9.88 -5.32
N VAL B 39 -12.34 9.08 -4.40
CA VAL B 39 -11.64 7.82 -4.01
C VAL B 39 -11.60 6.90 -5.23
N GLU B 40 -10.43 6.41 -5.60
CA GLU B 40 -10.30 5.47 -6.71
C GLU B 40 -10.12 3.93 -6.36
N GLY B 41 -10.67 3.06 -7.20
CA GLY B 41 -10.62 1.64 -6.93
C GLY B 41 -9.68 0.91 -7.87
N GLU B 42 -8.93 -0.09 -7.40
CA GLU B 42 -8.08 -0.75 -8.36
C GLU B 42 -8.72 -1.98 -9.00
N VAL B 43 -9.82 -2.42 -8.36
CA VAL B 43 -10.53 -3.59 -8.73
C VAL B 43 -11.95 -3.19 -9.09
N GLN B 44 -12.47 -3.72 -10.21
CA GLN B 44 -13.83 -3.42 -10.60
C GLN B 44 -14.67 -4.66 -10.48
N ILE B 45 -15.90 -4.48 -10.05
CA ILE B 45 -16.86 -5.56 -10.08
C ILE B 45 -17.65 -5.39 -11.38
N VAL B 46 -17.63 -6.43 -12.22
CA VAL B 46 -18.20 -6.37 -13.56
C VAL B 46 -19.29 -7.44 -13.86
N SER B 47 -20.16 -7.15 -14.83
CA SER B 47 -21.26 -8.01 -15.24
C SER B 47 -21.48 -7.99 -16.73
N THR B 48 -21.86 -9.18 -17.23
CA THR B 48 -22.51 -9.36 -18.51
C THR B 48 -23.92 -9.78 -18.17
N ALA B 49 -24.72 -10.13 -19.18
CA ALA B 49 -26.12 -10.49 -18.96
C ALA B 49 -26.25 -11.78 -18.16
N THR B 50 -25.26 -12.66 -18.27
CA THR B 50 -25.30 -13.96 -17.62
C THR B 50 -24.40 -14.08 -16.39
N GLN B 51 -23.15 -13.61 -16.48
CA GLN B 51 -22.21 -13.70 -15.35
C GLN B 51 -21.93 -12.37 -14.58
N THR B 52 -21.18 -12.50 -13.51
CA THR B 52 -20.63 -11.37 -12.80
C THR B 52 -19.29 -11.80 -12.23
N PHE B 53 -18.34 -10.89 -12.28
CA PHE B 53 -16.99 -11.25 -11.94
C PHE B 53 -16.20 -9.96 -11.64
N LEU B 54 -14.88 -10.00 -11.81
CA LEU B 54 -14.00 -8.92 -11.43
C LEU B 54 -13.03 -8.56 -12.56
N ALA B 55 -12.61 -7.28 -12.58
CA ALA B 55 -11.46 -6.90 -13.40
C ALA B 55 -10.47 -6.16 -12.51
N THR B 56 -9.20 -6.13 -12.88
CA THR B 56 -8.16 -5.54 -12.06
C THR B 56 -7.34 -4.60 -12.94
N CYS B 57 -7.08 -3.38 -12.47
CA CYS B 57 -6.28 -2.44 -13.27
C CYS B 57 -4.82 -2.54 -12.90
N ILE B 58 -4.01 -2.88 -13.89
CA ILE B 58 -2.55 -2.91 -13.72
C ILE B 58 -1.95 -2.14 -14.90
N ASN B 59 -1.01 -1.23 -14.63
CA ASN B 59 -0.34 -0.47 -15.68
C ASN B 59 -1.27 0.23 -16.69
N GLY B 60 -2.36 0.83 -16.21
CA GLY B 60 -3.21 1.63 -17.07
C GLY B 60 -4.21 0.81 -17.85
N VAL B 61 -4.17 -0.52 -17.70
CA VAL B 61 -5.07 -1.44 -18.40
C VAL B 61 -5.98 -2.20 -17.40
N CYS B 62 -7.26 -2.29 -17.72
CA CYS B 62 -8.26 -2.98 -16.92
C CYS B 62 -8.35 -4.40 -17.45
N TRP B 63 -7.75 -5.34 -16.70
CA TRP B 63 -7.64 -6.74 -17.12
C TRP B 63 -8.69 -7.60 -16.50
N THR B 64 -9.15 -8.60 -17.25
CA THR B 64 -10.02 -9.65 -16.71
C THR B 64 -9.89 -10.95 -17.51
N VAL B 65 -10.81 -11.88 -17.24
CA VAL B 65 -10.73 -13.23 -17.79
C VAL B 65 -11.55 -13.35 -19.10
N TYR B 66 -10.92 -13.92 -20.14
CA TYR B 66 -11.62 -14.19 -21.40
C TYR B 66 -12.83 -15.06 -21.17
N HIS B 67 -12.75 -16.08 -20.33
CA HIS B 67 -13.95 -16.88 -20.10
C HIS B 67 -15.16 -16.11 -19.52
N GLY B 68 -14.96 -14.84 -19.17
CA GLY B 68 -16.05 -14.01 -18.62
C GLY B 68 -16.42 -12.89 -19.56
N ALA B 69 -15.40 -12.21 -20.08
CA ALA B 69 -15.63 -11.07 -20.95
C ALA B 69 -15.93 -11.47 -22.40
N GLY B 70 -15.17 -12.43 -22.92
CA GLY B 70 -15.23 -12.75 -24.32
C GLY B 70 -14.45 -11.70 -25.09
N THR B 71 -15.01 -11.28 -26.21
CA THR B 71 -14.44 -10.21 -27.02
C THR B 71 -15.25 -8.94 -26.75
N ARG B 72 -16.11 -8.97 -25.74
CA ARG B 72 -17.01 -7.85 -25.48
C ARG B 72 -16.29 -6.50 -25.32
N THR B 73 -17.00 -5.44 -25.68
CA THR B 73 -16.57 -4.11 -25.33
C THR B 73 -16.91 -3.81 -23.88
N ILE B 74 -16.23 -2.85 -23.26
CA ILE B 74 -16.66 -2.36 -21.95
C ILE B 74 -17.45 -1.09 -22.06
N ALA B 75 -18.51 -0.99 -21.24
CA ALA B 75 -19.34 0.22 -21.20
C ALA B 75 -18.55 1.43 -20.75
N SER B 76 -18.99 2.59 -21.24
CA SER B 76 -18.47 3.88 -20.82
C SER B 76 -19.56 4.89 -21.12
N PRO B 77 -19.51 6.03 -20.45
CA PRO B 77 -20.54 7.05 -20.64
C PRO B 77 -20.46 7.74 -22.03
N LYS B 78 -19.41 7.43 -22.78
CA LYS B 78 -19.27 7.81 -24.19
C LYS B 78 -19.47 6.62 -25.11
N GLY B 79 -20.11 5.57 -24.62
CA GLY B 79 -20.36 4.39 -25.44
C GLY B 79 -19.27 3.33 -25.29
N PRO B 80 -19.44 2.22 -26.00
CA PRO B 80 -18.58 1.03 -25.85
C PRO B 80 -17.15 1.29 -26.15
N VAL B 81 -16.26 0.60 -25.44
CA VAL B 81 -14.83 0.74 -25.66
C VAL B 81 -14.26 -0.65 -26.03
N ILE B 82 -13.48 -0.71 -27.10
CA ILE B 82 -12.99 -2.02 -27.59
C ILE B 82 -11.78 -2.50 -26.79
N GLN B 83 -11.63 -3.81 -26.66
CA GLN B 83 -10.49 -4.36 -25.98
C GLN B 83 -9.20 -3.91 -26.64
N MET B 84 -8.19 -3.64 -25.83
CA MET B 84 -6.86 -3.30 -26.33
C MET B 84 -6.03 -4.55 -26.51
N TYR B 85 -6.45 -5.63 -25.85
CA TYR B 85 -5.67 -6.86 -25.74
C TYR B 85 -6.63 -8.02 -25.67
N THR B 86 -6.33 -9.07 -26.45
CA THR B 86 -7.13 -10.30 -26.41
C THR B 86 -6.19 -11.47 -26.55
N ASN B 87 -6.01 -12.21 -25.46
CA ASN B 87 -5.13 -13.37 -25.46
C ASN B 87 -5.90 -14.54 -24.92
N VAL B 88 -6.58 -15.21 -25.84
CA VAL B 88 -7.49 -16.33 -25.60
C VAL B 88 -6.75 -17.50 -24.96
N ASP B 89 -5.46 -17.61 -25.28
CA ASP B 89 -4.65 -18.73 -24.84
C ASP B 89 -4.43 -18.64 -23.34
N GLN B 90 -3.97 -17.46 -22.91
CA GLN B 90 -3.74 -17.16 -21.52
C GLN B 90 -5.00 -16.84 -20.69
N ASP B 91 -6.17 -16.87 -21.30
CA ASP B 91 -7.46 -16.52 -20.66
C ASP B 91 -7.61 -15.02 -20.22
N LEU B 92 -6.95 -14.16 -20.99
CA LEU B 92 -6.72 -12.79 -20.62
C LEU B 92 -7.32 -11.81 -21.63
N VAL B 93 -7.96 -10.76 -21.11
CA VAL B 93 -8.53 -9.67 -21.91
C VAL B 93 -8.22 -8.35 -21.20
N GLY B 94 -8.02 -7.29 -21.97
CA GLY B 94 -7.69 -5.97 -21.44
C GLY B 94 -8.36 -4.80 -22.18
N TRP B 95 -9.07 -3.96 -21.44
CA TRP B 95 -9.49 -2.66 -21.96
C TRP B 95 -8.65 -1.50 -21.36
N PRO B 96 -8.78 -0.27 -21.85
CA PRO B 96 -8.13 0.86 -21.17
C PRO B 96 -8.82 1.05 -19.83
N ALA B 97 -8.07 1.36 -18.78
CA ALA B 97 -8.65 1.61 -17.45
C ALA B 97 -9.83 2.60 -17.47
N PRO B 98 -10.95 2.28 -16.88
CA PRO B 98 -12.10 3.20 -16.88
C PRO B 98 -11.90 4.33 -15.87
N GLN B 99 -12.81 5.30 -15.87
CA GLN B 99 -12.77 6.30 -14.84
C GLN B 99 -13.24 5.76 -13.47
N GLY B 100 -12.78 6.40 -12.40
CA GLY B 100 -13.01 5.94 -11.04
C GLY B 100 -11.97 4.88 -10.65
N SER B 101 -10.91 4.76 -11.46
CA SER B 101 -10.02 3.65 -11.29
C SER B 101 -8.58 4.09 -11.08
N ARG B 102 -7.74 3.19 -10.58
CA ARG B 102 -6.33 3.46 -10.37
C ARG B 102 -5.60 2.12 -10.47
N SER B 103 -4.33 2.17 -10.81
CA SER B 103 -3.63 0.96 -11.19
C SER B 103 -2.77 0.36 -10.09
N LEU B 104 -2.76 -0.97 -10.06
CA LEU B 104 -1.84 -1.71 -9.25
C LEU B 104 -0.50 -1.80 -9.95
N THR B 105 0.55 -1.83 -9.16
CA THR B 105 1.92 -2.07 -9.64
C THR B 105 2.22 -3.58 -9.59
N PRO B 106 2.93 -4.11 -10.58
CA PRO B 106 3.31 -5.53 -10.54
C PRO B 106 4.27 -5.82 -9.40
N CYS B 107 4.10 -7.00 -8.80
CA CYS B 107 5.04 -7.48 -7.79
C CYS B 107 6.45 -7.55 -8.34
N THR B 108 7.43 -7.17 -7.54
CA THR B 108 8.81 -7.37 -7.92
C THR B 108 9.58 -7.99 -6.75
N CYS B 109 8.90 -8.46 -5.69
CA CYS B 109 9.65 -9.00 -4.52
C CYS B 109 9.76 -10.52 -4.54
N GLY B 110 9.23 -11.13 -5.59
CA GLY B 110 9.24 -12.57 -5.75
C GLY B 110 8.65 -13.37 -4.61
N SER B 111 7.92 -12.75 -3.69
CA SER B 111 7.40 -13.49 -2.53
C SER B 111 6.41 -14.56 -2.95
N SER B 112 6.23 -15.54 -2.09
CA SER B 112 5.33 -16.67 -2.35
C SER B 112 4.12 -16.62 -1.47
N ASP B 113 4.07 -15.61 -0.60
CA ASP B 113 2.91 -15.45 0.24
C ASP B 113 1.92 -14.49 -0.39
N LEU B 114 0.86 -15.04 -0.93
CA LEU B 114 -0.05 -14.28 -1.75
C LEU B 114 -1.32 -13.92 -0.98
N TYR B 115 -2.13 -13.00 -1.51
CA TYR B 115 -3.42 -12.73 -0.90
C TYR B 115 -4.42 -12.50 -2.00
N LEU B 116 -5.56 -13.15 -1.90
CA LEU B 116 -6.51 -13.12 -2.95
C LEU B 116 -7.68 -12.28 -2.49
N VAL B 117 -8.09 -11.32 -3.31
CA VAL B 117 -9.18 -10.45 -2.91
C VAL B 117 -10.40 -10.88 -3.69
N THR B 118 -11.52 -10.99 -2.99
CA THR B 118 -12.74 -11.45 -3.63
C THR B 118 -13.69 -10.31 -3.82
N ARG B 119 -14.77 -10.58 -4.53
CA ARG B 119 -15.74 -9.56 -4.89
C ARG B 119 -16.52 -9.02 -3.68
N HIS B 120 -16.29 -9.60 -2.51
CA HIS B 120 -16.92 -9.09 -1.29
C HIS B 120 -15.90 -8.36 -0.44
N ALA B 121 -14.70 -8.23 -1.00
CA ALA B 121 -13.57 -7.63 -0.35
C ALA B 121 -13.06 -8.49 0.80
N ASP B 122 -13.29 -9.80 0.77
CA ASP B 122 -12.55 -10.69 1.69
C ASP B 122 -11.14 -10.89 1.16
N VAL B 123 -10.25 -11.19 2.10
CA VAL B 123 -8.87 -11.47 1.76
C VAL B 123 -8.53 -12.86 2.29
N ILE B 124 -8.05 -13.72 1.40
CA ILE B 124 -7.70 -15.03 1.86
C ILE B 124 -6.30 -15.29 1.43
N PRO B 125 -5.47 -15.74 2.36
CA PRO B 125 -4.05 -16.05 2.07
C PRO B 125 -3.86 -17.28 1.18
N VAL B 126 -2.87 -17.24 0.29
CA VAL B 126 -2.66 -18.31 -0.68
C VAL B 126 -1.16 -18.50 -0.77
N ARG B 127 -0.67 -19.73 -0.60
CA ARG B 127 0.75 -19.97 -0.75
C ARG B 127 0.96 -20.39 -2.19
N ARG B 128 2.00 -19.82 -2.79
CA ARG B 128 2.28 -20.00 -4.19
C ARG B 128 2.95 -21.34 -4.41
N ARG B 129 2.36 -22.16 -5.26
CA ARG B 129 2.91 -23.47 -5.56
C ARG B 129 3.82 -23.47 -6.76
N GLY B 130 3.36 -23.02 -7.92
CA GLY B 130 4.24 -22.89 -9.07
C GLY B 130 3.97 -21.61 -9.83
N ASP B 131 4.26 -21.61 -11.13
CA ASP B 131 4.03 -20.45 -11.99
C ASP B 131 2.66 -19.79 -11.90
N SER B 132 1.65 -20.64 -12.02
CA SER B 132 0.29 -20.18 -12.16
C SER B 132 -0.64 -20.89 -11.18
N ARG B 133 -0.11 -21.33 -10.07
CA ARG B 133 -0.96 -21.99 -9.09
C ARG B 133 -0.57 -21.68 -7.65
N GLY B 134 -1.59 -21.65 -6.79
CA GLY B 134 -1.33 -21.51 -5.37
C GLY B 134 -2.42 -22.22 -4.57
N SER B 135 -2.11 -22.55 -3.31
CA SER B 135 -3.03 -23.28 -2.45
C SER B 135 -3.52 -22.41 -1.30
N LEU B 136 -4.83 -22.44 -1.06
CA LEU B 136 -5.43 -21.76 0.09
C LEU B 136 -4.79 -22.22 1.37
N LEU B 137 -4.46 -21.32 2.29
CA LEU B 137 -3.94 -21.75 3.60
C LEU B 137 -5.05 -22.32 4.43
N SER B 138 -6.28 -22.17 3.97
CA SER B 138 -7.46 -22.42 4.77
C SER B 138 -8.65 -22.55 3.79
N PRO B 139 -8.94 -23.80 3.45
CA PRO B 139 -9.83 -24.16 2.35
C PRO B 139 -11.29 -23.76 2.55
N ARG B 140 -11.95 -23.38 1.47
CA ARG B 140 -13.25 -22.72 1.54
C ARG B 140 -14.21 -23.47 0.66
N PRO B 141 -15.51 -23.41 0.96
CA PRO B 141 -16.51 -23.90 -0.01
C PRO B 141 -16.36 -23.20 -1.37
N ILE B 142 -16.89 -23.80 -2.43
CA ILE B 142 -16.69 -23.29 -3.79
C ILE B 142 -17.30 -21.91 -3.99
N SER B 143 -18.51 -21.73 -3.45
CA SER B 143 -19.27 -20.48 -3.55
C SER B 143 -18.52 -19.24 -2.98
N TYR B 144 -17.70 -19.46 -1.96
CA TYR B 144 -16.94 -18.38 -1.41
C TYR B 144 -16.13 -17.64 -2.48
N LEU B 145 -15.60 -18.36 -3.47
CA LEU B 145 -14.82 -17.69 -4.48
C LEU B 145 -15.63 -17.36 -5.73
N LYS B 146 -16.92 -17.70 -5.71
CA LYS B 146 -17.75 -17.56 -6.89
C LYS B 146 -17.86 -16.10 -7.36
N GLY B 147 -17.40 -15.85 -8.58
CA GLY B 147 -17.52 -14.54 -9.18
C GLY B 147 -16.41 -13.57 -8.79
N SER B 148 -15.22 -14.13 -8.54
CA SER B 148 -14.10 -13.33 -8.15
C SER B 148 -13.03 -13.50 -9.17
N SER B 149 -13.29 -14.30 -10.18
CA SER B 149 -12.19 -14.47 -11.16
C SER B 149 -11.98 -13.13 -11.86
N GLY B 150 -10.74 -12.82 -12.16
CA GLY B 150 -10.46 -11.52 -12.69
C GLY B 150 -9.85 -10.66 -11.59
N GLY B 151 -10.18 -10.97 -10.33
CA GLY B 151 -9.62 -10.31 -9.16
C GLY B 151 -8.12 -10.52 -9.01
N PRO B 152 -7.46 -9.76 -8.14
CA PRO B 152 -6.00 -9.84 -8.04
C PRO B 152 -5.52 -10.82 -6.97
N LEU B 153 -4.29 -11.31 -7.16
CA LEU B 153 -3.53 -11.97 -6.11
C LEU B 153 -2.42 -11.02 -5.80
N LEU B 154 -2.33 -10.58 -4.54
CA LEU B 154 -1.32 -9.61 -4.10
C LEU B 154 -0.23 -10.29 -3.28
N CYS B 155 1.00 -9.82 -3.43
CA CYS B 155 2.06 -10.12 -2.48
C CYS B 155 1.93 -9.31 -1.16
N PRO B 156 2.85 -9.49 -0.21
CA PRO B 156 2.80 -8.73 1.06
C PRO B 156 2.81 -7.21 0.91
N ALA B 157 3.53 -6.69 -0.09
CA ALA B 157 3.46 -5.26 -0.41
C ALA B 157 2.13 -4.77 -1.03
N GLY B 158 1.16 -5.65 -1.24
CA GLY B 158 -0.03 -5.27 -1.98
C GLY B 158 0.15 -5.03 -3.49
N HIS B 159 1.27 -5.46 -4.06
CA HIS B 159 1.51 -5.42 -5.51
C HIS B 159 0.92 -6.65 -6.22
N ALA B 160 0.62 -6.53 -7.51
CA ALA B 160 -0.06 -7.58 -8.29
C ALA B 160 0.86 -8.72 -8.60
N VAL B 161 0.45 -9.92 -8.25
CA VAL B 161 1.24 -11.11 -8.62
C VAL B 161 0.56 -11.84 -9.82
N GLY B 162 -0.76 -11.72 -9.91
CA GLY B 162 -1.49 -12.26 -11.03
C GLY B 162 -2.98 -12.04 -10.88
N LEU B 163 -3.75 -12.57 -11.82
CA LEU B 163 -5.20 -12.47 -11.74
C LEU B 163 -5.77 -13.83 -11.43
N PHE B 164 -6.57 -13.90 -10.38
CA PHE B 164 -7.35 -15.08 -10.14
C PHE B 164 -8.00 -15.57 -11.43
N ARG B 165 -7.54 -16.71 -11.93
CA ARG B 165 -8.08 -17.35 -13.14
C ARG B 165 -9.23 -18.33 -12.86
N ALA B 166 -9.02 -19.36 -12.02
CA ALA B 166 -10.11 -20.32 -11.64
C ALA B 166 -9.93 -21.08 -10.32
N ALA B 167 -11.05 -21.41 -9.67
CA ALA B 167 -11.01 -22.23 -8.47
C ALA B 167 -10.59 -23.70 -8.79
N VAL B 168 -9.84 -24.33 -7.89
CA VAL B 168 -9.49 -25.74 -8.06
C VAL B 168 -10.27 -26.54 -7.05
N CYS B 169 -11.28 -27.26 -7.51
CA CYS B 169 -12.25 -27.91 -6.61
C CYS B 169 -12.23 -29.45 -6.49
N THR B 170 -12.62 -29.90 -5.31
CA THR B 170 -12.73 -31.30 -4.98
C THR B 170 -14.03 -31.36 -4.23
N ARG B 171 -15.08 -31.78 -4.92
CA ARG B 171 -16.40 -31.94 -4.33
C ARG B 171 -16.86 -30.70 -3.55
N GLY B 172 -17.04 -29.59 -4.27
CA GLY B 172 -17.55 -28.37 -3.68
C GLY B 172 -16.67 -27.68 -2.63
N VAL B 173 -15.39 -28.06 -2.57
CA VAL B 173 -14.46 -27.43 -1.63
C VAL B 173 -13.25 -26.95 -2.42
N THR B 174 -12.87 -25.68 -2.27
CA THR B 174 -11.75 -25.14 -3.04
C THR B 174 -10.57 -25.14 -2.13
N LYS B 175 -9.43 -25.59 -2.65
CA LYS B 175 -8.23 -25.78 -1.86
C LYS B 175 -7.10 -25.09 -2.54
N ALA B 176 -7.31 -24.71 -3.79
CA ALA B 176 -6.25 -24.07 -4.55
C ALA B 176 -6.90 -23.23 -5.64
N VAL B 177 -6.06 -22.50 -6.36
CA VAL B 177 -6.51 -21.56 -7.39
C VAL B 177 -5.49 -21.52 -8.52
N ASP B 178 -6.01 -21.39 -9.73
CA ASP B 178 -5.19 -21.06 -10.89
C ASP B 178 -5.17 -19.54 -10.97
N PHE B 179 -4.07 -19.00 -11.48
CA PHE B 179 -3.98 -17.58 -11.79
C PHE B 179 -3.15 -17.21 -13.04
N ILE B 180 -3.36 -16.00 -13.54
CA ILE B 180 -2.55 -15.53 -14.64
C ILE B 180 -1.35 -14.74 -14.12
N PRO B 181 -0.14 -15.23 -14.31
CA PRO B 181 1.01 -14.54 -13.74
C PRO B 181 1.06 -13.12 -14.31
N VAL B 182 1.37 -12.13 -13.47
CA VAL B 182 1.48 -10.74 -13.93
C VAL B 182 2.48 -10.59 -15.12
N GLU B 183 3.43 -11.51 -15.21
CA GLU B 183 4.38 -11.51 -16.32
C GLU B 183 3.66 -11.71 -17.66
N ASN B 184 2.67 -12.60 -17.71
CA ASN B 184 1.84 -12.79 -18.90
C ASN B 184 1.25 -11.45 -19.37
N LEU B 185 0.73 -10.65 -18.43
CA LEU B 185 0.16 -9.35 -18.77
C LEU B 185 1.24 -8.49 -19.38
N GLU B 186 2.37 -8.45 -18.69
CA GLU B 186 3.48 -7.62 -19.14
C GLU B 186 3.92 -7.97 -20.56
N THR B 187 4.03 -9.26 -20.89
CA THR B 187 4.46 -9.61 -22.24
C THR B 187 3.36 -9.34 -23.28
N THR B 188 2.09 -9.66 -22.95
CA THR B 188 0.94 -9.37 -23.82
C THR B 188 0.93 -7.90 -24.30
N MET B 189 1.35 -6.98 -23.43
CA MET B 189 1.52 -5.56 -23.77
C MET B 189 2.56 -5.22 -24.86
N ARG B 190 3.28 -6.23 -25.38
CA ARG B 190 4.14 -6.03 -26.57
C ARG B 190 3.98 -7.20 -27.56
N LYS C 2 11.67 29.59 17.12
CA LYS C 2 11.46 28.39 16.23
C LYS C 2 10.07 27.72 16.30
N GLY C 3 9.51 27.40 15.14
CA GLY C 3 8.15 26.88 15.09
C GLY C 3 8.00 25.43 15.53
N SER C 4 6.83 25.11 16.06
CA SER C 4 6.43 23.71 16.23
C SER C 4 6.33 22.95 14.90
N VAL C 5 6.75 21.68 14.91
CA VAL C 5 6.40 20.70 13.90
C VAL C 5 4.88 20.58 13.90
N VAL C 6 4.30 20.44 12.68
CA VAL C 6 2.85 20.37 12.50
C VAL C 6 2.41 19.15 11.70
N ILE C 7 1.37 18.49 12.16
CA ILE C 7 0.76 17.45 11.36
C ILE C 7 0.00 18.08 10.19
N VAL C 8 0.43 17.75 8.96
CA VAL C 8 -0.28 18.23 7.78
C VAL C 8 -1.04 17.15 7.01
N GLY C 9 -0.93 15.91 7.44
CA GLY C 9 -1.45 14.78 6.69
C GLY C 9 -1.25 13.48 7.45
N ARG C 10 -1.73 12.37 6.91
CA ARG C 10 -1.53 11.09 7.57
C ARG C 10 -1.56 9.96 6.55
N ILE C 11 -0.86 8.87 6.90
CA ILE C 11 -0.93 7.65 6.14
C ILE C 11 -1.55 6.54 7.00
N VAL C 12 -2.55 5.85 6.46
CA VAL C 12 -3.24 4.83 7.24
C VAL C 12 -2.94 3.42 6.68
N LEU C 13 -2.39 2.58 7.56
CA LEU C 13 -1.88 1.28 7.22
C LEU C 13 -2.88 0.22 7.55
N SER C 14 -3.81 0.56 8.41
CA SER C 14 -4.70 -0.42 8.99
C SER C 14 -6.01 -0.59 8.25
N GLY C 15 -6.25 0.19 7.20
CA GLY C 15 -7.46 0.00 6.42
C GLY C 15 -7.28 -1.28 5.59
N LYS C 16 -8.40 -1.93 5.28
CA LYS C 16 -8.35 -3.20 4.52
C LYS C 16 -9.32 -3.07 3.33
N PRO C 17 -9.22 -3.93 2.31
CA PRO C 17 -10.04 -3.80 1.10
C PRO C 17 -11.50 -3.53 1.36
N ALA C 18 -12.08 -2.62 0.59
CA ALA C 18 -13.47 -2.28 0.78
C ALA C 18 -14.15 -2.01 -0.56
N ILE C 19 -15.44 -2.31 -0.60
CA ILE C 19 -16.25 -1.94 -1.71
C ILE C 19 -16.52 -0.47 -1.51
N ILE C 20 -16.25 0.37 -2.51
CA ILE C 20 -16.50 1.80 -2.35
C ILE C 20 -18.01 2.05 -2.31
N PRO C 21 -18.50 2.67 -1.25
CA PRO C 21 -19.92 3.01 -1.15
C PRO C 21 -20.43 3.92 -2.29
N LYS C 22 -21.73 3.78 -2.59
CA LYS C 22 -22.46 4.57 -3.59
C LYS C 22 -23.28 5.69 -2.95
N GLY D 3 -23.65 -7.31 -26.44
CA GLY D 3 -23.74 -6.83 -25.01
C GLY D 3 -22.39 -6.41 -24.41
N SER D 4 -22.33 -5.24 -23.77
CA SER D 4 -21.07 -4.77 -23.14
C SER D 4 -20.79 -5.34 -21.72
N VAL D 5 -19.51 -5.50 -21.36
CA VAL D 5 -19.21 -5.67 -19.93
C VAL D 5 -19.46 -4.32 -19.23
N VAL D 6 -20.28 -4.36 -18.19
CA VAL D 6 -20.68 -3.20 -17.40
C VAL D 6 -19.98 -3.25 -16.02
N ILE D 7 -19.54 -2.09 -15.53
CA ILE D 7 -18.94 -2.01 -14.20
C ILE D 7 -20.02 -1.80 -13.15
N VAL D 8 -20.18 -2.73 -12.20
CA VAL D 8 -21.25 -2.59 -11.20
C VAL D 8 -20.86 -2.09 -9.80
N GLY D 9 -19.55 -1.98 -9.54
CA GLY D 9 -19.07 -1.56 -8.23
C GLY D 9 -17.58 -1.51 -8.30
N ARG D 10 -16.95 -0.94 -7.27
CA ARG D 10 -15.50 -0.83 -7.24
C ARG D 10 -14.96 -1.28 -5.90
N ILE D 11 -13.70 -1.70 -5.85
CA ILE D 11 -13.06 -2.03 -4.60
C ILE D 11 -11.75 -1.25 -4.50
N VAL D 12 -11.56 -0.55 -3.36
CA VAL D 12 -10.31 0.11 -3.06
C VAL D 12 -9.49 -0.75 -2.09
N LEU D 13 -8.31 -1.15 -2.49
CA LEU D 13 -7.50 -2.08 -1.73
C LEU D 13 -6.96 -1.55 -0.38
N SER D 14 -6.85 -0.23 -0.26
CA SER D 14 -6.31 0.39 0.93
C SER D 14 -7.41 0.61 1.97
N GLY D 15 -8.67 0.52 1.56
CA GLY D 15 -9.75 0.86 2.48
C GLY D 15 -10.02 2.35 2.58
N LYS D 16 -9.34 3.16 1.76
CA LYS D 16 -9.58 4.61 1.78
C LYS D 16 -11.04 5.03 1.69
N PRO D 17 -11.48 5.83 2.65
CA PRO D 17 -12.87 6.33 2.69
C PRO D 17 -13.13 7.68 1.99
N ALA D 18 -14.42 7.97 1.77
CA ALA D 18 -14.88 9.16 0.99
C ALA D 18 -14.21 10.49 1.38
ZN ZN E . 8.15 -9.22 11.80
O1 TRL F . 12.99 12.21 3.27
C28 TRL F . 14.14 11.92 3.53
C27 TRL F . 15.42 11.89 2.67
C3 TRL F . 15.06 12.23 1.22
C4 TRL F . 14.90 10.94 0.42
C8 TRL F . 16.45 12.85 3.36
N10 TRL F . 17.76 13.17 2.75
C9 TRL F . 18.00 14.62 2.71
C12 TRL F . 17.08 15.18 3.79
C14 TRL F . 15.88 14.25 3.69
N3 TRL F . 15.18 14.17 4.95
S1 TRL F . 13.93 15.16 5.25
O4 TRL F . 13.20 15.10 4.01
O5 TRL F . 14.51 16.36 5.76
C1 TRL F . 13.06 14.47 6.62
C2 TRL F . 18.65 12.21 2.32
O2 TRL F . 18.36 11.02 2.40
C5 TRL F . 20.02 12.67 1.71
C6 TRL F . 20.09 12.55 0.15
C13 TRL F . 18.76 12.56 -0.58
C7 TRL F . 21.03 13.58 -0.49
N1 TRL F . 21.05 11.68 1.99
C11 TRL F . 21.94 11.48 2.95
O3 TRL F . 22.06 12.18 3.92
O6 TRL F . 22.61 10.36 2.61
C15 TRL F . 23.86 9.72 3.03
C21 TRL F . 24.19 9.89 4.54
C26 TRL F . 23.68 8.20 2.80
C25 TRL F . 25.04 10.14 2.11
ZN ZN G . 5.85 -8.04 -4.14
#